data_4XDM
#
_entry.id   4XDM
#
_cell.length_a   41.400
_cell.length_b   44.630
_cell.length_c   60.160
_cell.angle_alpha   90.00
_cell.angle_beta   107.93
_cell.angle_gamma   90.00
#
_symmetry.space_group_name_H-M   'P 1 21 1'
#
loop_
_entity.id
_entity.type
_entity.pdbx_description
1 polymer 'Heat shock cognate 90 kDa protein'
2 non-polymer GELDANAMYCIN
3 non-polymer DI(HYDROXYETHYL)ETHER
4 water water
#
_entity_poly.entity_id   1
_entity_poly.type   'polypeptide(L)'
_entity_poly.pdbx_seq_one_letter_code
;MRGSHHHHHHGMASMTGGQQMGRDLYDDDDKDRWGSMAESQVERFTFQAEINQLMSLIINTFYSNKEVFLRELISNASDA
LDKIRYQSLTDASVLESKTELEIKIIPDKTAKTLTLIDSGIGMTKTDMVKNLGTIARSGTKNFMEQLQSGAADISMIGQF
GVGFYSAYLVADTVIVHSKNNDDEQYVWESSAGGEFTIALDHTEPLGRGTKIVLHMKEDQLDYLDETKIKNLVKKHSEFI
QYPISLLTIKEKEVDEETT
;
_entity_poly.pdbx_strand_id   A
#
loop_
_chem_comp.id
_chem_comp.type
_chem_comp.name
_chem_comp.formula
GDM non-polymer GELDANAMYCIN 'C29 H40 N2 O9'
PEG non-polymer DI(HYDROXYETHYL)ETHER 'C4 H10 O3'
#
# COMPACT_ATOMS: atom_id res chain seq x y z
N MET A 37 -10.16 -25.36 -15.89
CA MET A 37 -10.64 -24.83 -14.58
C MET A 37 -9.46 -24.41 -13.70
N ALA A 38 -9.47 -23.15 -13.27
CA ALA A 38 -8.44 -22.63 -12.38
C ALA A 38 -8.79 -22.97 -10.93
N GLU A 39 -7.77 -23.24 -10.12
CA GLU A 39 -7.98 -23.63 -8.72
C GLU A 39 -7.09 -22.79 -7.82
N SER A 40 -7.66 -22.31 -6.73
CA SER A 40 -6.95 -21.40 -5.83
C SER A 40 -7.42 -21.61 -4.39
N GLN A 41 -6.47 -21.69 -3.47
CA GLN A 41 -6.80 -21.66 -2.05
C GLN A 41 -6.80 -20.21 -1.60
N VAL A 42 -7.85 -19.81 -0.91
CA VAL A 42 -7.94 -18.44 -0.39
C VAL A 42 -8.10 -18.51 1.12
N GLU A 43 -7.25 -17.82 1.86
CA GLU A 43 -7.42 -17.78 3.30
C GLU A 43 -8.06 -16.48 3.74
N ARG A 44 -9.03 -16.57 4.65
CA ARG A 44 -9.68 -15.38 5.19
C ARG A 44 -9.20 -15.13 6.60
N PHE A 45 -8.94 -13.86 6.91
CA PHE A 45 -8.47 -13.44 8.22
C PHE A 45 -9.33 -12.29 8.70
N THR A 46 -9.47 -12.18 10.02
CA THR A 46 -10.20 -11.09 10.65
C THR A 46 -9.19 -10.05 11.13
N PHE A 47 -9.50 -8.78 10.89
CA PHE A 47 -8.70 -7.70 11.39
C PHE A 47 -8.75 -7.67 12.91
N GLN A 48 -7.61 -7.37 13.50
CA GLN A 48 -7.53 -7.07 14.93
C GLN A 48 -8.48 -5.90 15.22
N ALA A 49 -9.06 -5.89 16.42
CA ALA A 49 -10.18 -5.01 16.72
C ALA A 49 -9.88 -3.52 16.51
N GLU A 50 -8.70 -3.09 16.94
CA GLU A 50 -8.29 -1.69 16.83
C GLU A 50 -8.06 -1.31 15.37
N ILE A 51 -7.52 -2.24 14.60
CA ILE A 51 -7.31 -2.02 13.16
C ILE A 51 -8.66 -1.87 12.46
N ASN A 52 -9.61 -2.73 12.82
CA ASN A 52 -10.96 -2.59 12.31
C ASN A 52 -11.55 -1.20 12.63
N GLN A 53 -11.37 -0.74 13.87
CA GLN A 53 -11.79 0.60 14.27
C GLN A 53 -11.12 1.69 13.46
N LEU A 54 -9.80 1.55 13.24
CA LEU A 54 -9.05 2.55 12.49
C LEU A 54 -9.55 2.63 11.06
N MET A 55 -9.80 1.48 10.46
CA MET A 55 -10.35 1.42 9.10
C MET A 55 -11.73 2.05 8.99
N SER A 56 -12.59 1.80 9.99
CA SER A 56 -13.92 2.42 10.01
C SER A 56 -13.79 3.94 10.14
N LEU A 57 -12.87 4.38 10.99
CA LEU A 57 -12.58 5.79 11.18
C LEU A 57 -12.12 6.47 9.88
N ILE A 58 -11.21 5.81 9.17
CA ILE A 58 -10.69 6.34 7.90
C ILE A 58 -11.75 6.34 6.79
N ILE A 59 -12.63 5.34 6.82
CA ILE A 59 -13.69 5.19 5.82
C ILE A 59 -14.93 6.05 6.09
N ASN A 60 -15.45 5.99 7.31
CA ASN A 60 -16.76 6.53 7.66
C ASN A 60 -16.74 7.96 8.20
N THR A 61 -15.57 8.57 8.18
CA THR A 61 -15.43 9.97 8.57
C THR A 61 -14.97 10.76 7.36
N PHE A 62 -15.47 11.98 7.23
CA PHE A 62 -15.08 12.88 6.15
C PHE A 62 -13.77 13.59 6.50
N TYR A 63 -12.80 13.45 5.62
CA TYR A 63 -11.52 14.15 5.73
C TYR A 63 -11.34 14.95 4.44
N SER A 64 -11.12 16.25 4.58
CA SER A 64 -11.11 17.14 3.41
C SER A 64 -9.86 17.04 2.56
N ASN A 65 -8.69 16.87 3.19
CA ASN A 65 -7.45 16.66 2.45
C ASN A 65 -6.96 15.23 2.60
N LYS A 66 -7.08 14.46 1.54
CA LYS A 66 -6.79 13.03 1.56
C LYS A 66 -5.47 12.69 0.89
N GLU A 67 -4.75 13.69 0.40
CA GLU A 67 -3.56 13.41 -0.41
C GLU A 67 -2.44 12.69 0.37
N VAL A 68 -2.55 12.64 1.69
CA VAL A 68 -1.64 11.81 2.48
C VAL A 68 -1.58 10.37 1.97
N PHE A 69 -2.67 9.85 1.41
CA PHE A 69 -2.67 8.46 0.94
C PHE A 69 -1.51 8.25 -0.05
N LEU A 70 -1.26 9.25 -0.87
CA LEU A 70 -0.22 9.13 -1.89
C LEU A 70 1.15 9.26 -1.28
N ARG A 71 1.30 10.20 -0.36
CA ARG A 71 2.54 10.34 0.38
C ARG A 71 2.93 9.02 1.03
N GLU A 72 1.95 8.38 1.66
CA GLU A 72 2.20 7.11 2.34
C GLU A 72 2.55 5.98 1.37
N LEU A 73 1.83 5.87 0.25
CA LEU A 73 2.17 4.83 -0.74
C LEU A 73 3.64 4.98 -1.19
N ILE A 74 4.03 6.22 -1.46
CA ILE A 74 5.38 6.49 -1.97
C ILE A 74 6.42 6.28 -0.87
N SER A 75 6.12 6.74 0.34
CA SER A 75 7.04 6.59 1.46
C SER A 75 7.27 5.11 1.77
N ASN A 76 6.19 4.34 1.76
CA ASN A 76 6.29 2.90 2.02
C ASN A 76 7.08 2.20 0.93
N ALA A 77 6.85 2.57 -0.33
CA ALA A 77 7.66 2.03 -1.43
C ALA A 77 9.13 2.35 -1.20
N SER A 78 9.44 3.60 -0.83
CA SER A 78 10.81 4.04 -0.61
C SER A 78 11.46 3.25 0.54
N ASP A 79 10.70 3.04 1.62
CA ASP A 79 11.17 2.27 2.77
C ASP A 79 11.55 0.85 2.34
N ALA A 80 10.69 0.24 1.54
CA ALA A 80 10.92 -1.12 1.05
C ALA A 80 12.11 -1.18 0.12
N LEU A 81 12.29 -0.13 -0.67
CA LEU A 81 13.44 0.00 -1.54
C LEU A 81 14.71 0.20 -0.72
N ASP A 82 14.66 1.04 0.31
CA ASP A 82 15.79 1.19 1.24
C ASP A 82 16.20 -0.15 1.84
N LYS A 83 15.21 -0.94 2.24
CA LYS A 83 15.48 -2.19 2.95
C LYS A 83 16.22 -3.20 2.08
N ILE A 84 15.77 -3.35 0.83
CA ILE A 84 16.47 -4.23 -0.10
C ILE A 84 17.84 -3.65 -0.48
N ARG A 85 17.92 -2.32 -0.59
CA ARG A 85 19.17 -1.66 -0.93
C ARG A 85 20.22 -1.93 0.14
N TYR A 86 19.88 -1.67 1.40
CA TYR A 86 20.82 -1.93 2.49
C TYR A 86 21.15 -3.41 2.63
N GLN A 87 20.17 -4.28 2.36
CA GLN A 87 20.43 -5.72 2.36
C GLN A 87 21.47 -6.10 1.31
N SER A 88 21.45 -5.39 0.19
CA SER A 88 22.34 -5.69 -0.93
C SER A 88 23.80 -5.30 -0.65
N LEU A 89 23.98 -4.34 0.25
CA LEU A 89 25.33 -3.94 0.66
C LEU A 89 26.05 -5.08 1.37
N THR A 90 25.31 -5.83 2.19
CA THR A 90 25.86 -6.92 2.99
C THR A 90 25.65 -8.30 2.34
N ASP A 91 24.84 -8.33 1.29
CA ASP A 91 24.49 -9.59 0.60
C ASP A 91 24.00 -9.28 -0.82
N ALA A 92 24.94 -9.28 -1.77
CA ALA A 92 24.64 -8.86 -3.14
C ALA A 92 23.60 -9.72 -3.84
N SER A 93 23.47 -10.97 -3.41
CA SER A 93 22.58 -11.95 -4.05
C SER A 93 21.09 -11.60 -3.95
N VAL A 94 20.73 -10.74 -2.98
CA VAL A 94 19.32 -10.38 -2.77
C VAL A 94 18.69 -9.67 -3.97
N LEU A 95 19.52 -9.06 -4.80
CA LEU A 95 19.03 -8.31 -5.97
C LEU A 95 18.79 -9.14 -7.22
N GLU A 96 19.13 -10.42 -7.17
CA GLU A 96 19.08 -11.30 -8.34
C GLU A 96 17.67 -11.52 -8.90
N SER A 97 16.67 -11.33 -8.05
CA SER A 97 15.27 -11.45 -8.42
C SER A 97 14.75 -10.27 -9.26
N LYS A 98 15.45 -9.13 -9.15
CA LYS A 98 15.10 -7.91 -9.89
C LYS A 98 16.16 -6.87 -9.59
N THR A 99 16.94 -6.48 -10.61
CA THR A 99 18.09 -5.61 -10.39
C THR A 99 17.70 -4.13 -10.18
N GLU A 100 16.66 -3.69 -10.87
CA GLU A 100 16.24 -2.29 -10.83
C GLU A 100 15.57 -1.97 -9.50
N LEU A 101 15.93 -0.82 -8.92
CA LEU A 101 15.27 -0.28 -7.73
C LEU A 101 14.49 0.96 -8.15
N GLU A 102 13.18 0.80 -8.29
CA GLU A 102 12.35 1.82 -8.93
C GLU A 102 10.90 1.75 -8.47
N ILE A 103 10.17 2.81 -8.76
CA ILE A 103 8.75 2.93 -8.45
C ILE A 103 7.98 3.21 -9.75
N LYS A 104 6.87 2.52 -9.95
CA LYS A 104 5.99 2.78 -11.10
C LYS A 104 4.63 3.14 -10.55
N ILE A 105 4.03 4.21 -11.09
CA ILE A 105 2.72 4.68 -10.62
C ILE A 105 1.80 4.70 -11.81
N ILE A 106 0.64 4.05 -11.68
CA ILE A 106 -0.18 3.74 -12.84
C ILE A 106 -1.62 4.14 -12.61
N PRO A 107 -2.00 5.37 -13.00
CA PRO A 107 -3.42 5.71 -12.93
C PRO A 107 -4.14 5.15 -14.13
N ASP A 108 -5.31 4.55 -13.91
CA ASP A 108 -6.05 3.88 -14.95
C ASP A 108 -7.52 4.27 -14.77
N LYS A 109 -7.94 5.32 -15.46
CA LYS A 109 -9.31 5.84 -15.30
C LYS A 109 -10.39 4.84 -15.64
N THR A 110 -10.22 4.13 -16.76
CA THR A 110 -11.20 3.15 -17.22
C THR A 110 -11.41 2.08 -16.16
N ALA A 111 -10.32 1.61 -15.57
CA ALA A 111 -10.39 0.57 -14.54
C ALA A 111 -10.72 1.13 -13.17
N LYS A 112 -10.68 2.45 -13.05
CA LYS A 112 -10.88 3.16 -11.78
C LYS A 112 -9.89 2.69 -10.70
N THR A 113 -8.65 2.49 -11.12
CA THR A 113 -7.59 2.08 -10.20
C THR A 113 -6.38 3.00 -10.25
N LEU A 114 -5.73 3.13 -9.10
CA LEU A 114 -4.38 3.66 -9.04
C LEU A 114 -3.52 2.54 -8.51
N THR A 115 -2.45 2.25 -9.23
CA THR A 115 -1.52 1.21 -8.87
C THR A 115 -0.15 1.78 -8.60
N LEU A 116 0.49 1.32 -7.53
CA LEU A 116 1.87 1.73 -7.26
C LEU A 116 2.72 0.48 -7.07
N ILE A 117 3.74 0.36 -7.89
CA ILE A 117 4.60 -0.81 -7.84
C ILE A 117 5.99 -0.39 -7.41
N ASP A 118 6.53 -1.11 -6.44
CA ASP A 118 7.95 -0.95 -6.13
C ASP A 118 8.68 -2.26 -6.33
N SER A 119 9.98 -2.16 -6.59
CA SER A 119 10.86 -3.32 -6.57
C SER A 119 11.68 -3.39 -5.28
N GLY A 120 11.04 -3.04 -4.16
CA GLY A 120 11.66 -3.15 -2.85
C GLY A 120 11.75 -4.57 -2.34
N ILE A 121 11.90 -4.71 -1.02
CA ILE A 121 12.10 -6.01 -0.39
C ILE A 121 10.94 -7.00 -0.60
N GLY A 122 9.72 -6.48 -0.66
CA GLY A 122 8.53 -7.35 -0.75
C GLY A 122 8.24 -8.03 0.58
N MET A 123 7.09 -8.69 0.62
CA MET A 123 6.60 -9.29 1.85
C MET A 123 6.22 -10.74 1.63
N THR A 124 6.62 -11.61 2.55
CA THR A 124 6.14 -13.00 2.51
C THR A 124 4.66 -13.06 2.89
N LYS A 125 4.02 -14.21 2.70
CA LYS A 125 2.66 -14.39 3.18
C LYS A 125 2.54 -14.03 4.66
N THR A 126 3.43 -14.57 5.48
CA THR A 126 3.34 -14.34 6.92
C THR A 126 3.58 -12.86 7.24
N ASP A 127 4.49 -12.22 6.52
CA ASP A 127 4.70 -10.77 6.63
C ASP A 127 3.39 -10.03 6.42
N MET A 128 2.64 -10.42 5.40
CA MET A 128 1.38 -9.74 5.14
CA MET A 128 1.36 -9.78 5.09
C MET A 128 0.31 -10.11 6.14
N VAL A 129 0.25 -11.39 6.55
CA VAL A 129 -0.74 -11.78 7.54
C VAL A 129 -0.53 -11.01 8.84
N LYS A 130 0.72 -10.90 9.26
CA LYS A 130 1.07 -10.32 10.56
C LYS A 130 0.99 -8.79 10.56
N ASN A 131 1.39 -8.18 9.44
CA ASN A 131 1.58 -6.74 9.38
C ASN A 131 0.48 -5.99 8.64
N LEU A 132 -0.36 -6.72 7.91
CA LEU A 132 -1.50 -6.12 7.23
C LEU A 132 -2.83 -6.55 7.85
N GLY A 133 -2.86 -6.66 9.18
CA GLY A 133 -4.14 -6.67 9.83
C GLY A 133 -4.39 -7.50 11.07
N THR A 134 -3.63 -8.58 11.27
CA THR A 134 -3.96 -9.50 12.38
C THR A 134 -3.31 -9.11 13.70
N ILE A 135 -2.13 -8.52 13.63
CA ILE A 135 -1.40 -8.14 14.83
C ILE A 135 -1.63 -6.69 15.19
N ALA A 136 -2.06 -6.50 16.44
CA ALA A 136 -2.20 -5.19 17.03
C ALA A 136 -0.86 -4.48 17.02
N ARG A 137 -0.83 -3.25 16.54
CA ARG A 137 0.44 -2.53 16.53
C ARG A 137 0.52 -1.29 17.41
N SER A 138 1.74 -0.89 17.71
CA SER A 138 2.07 0.05 18.80
C SER A 138 1.37 1.40 18.73
N GLY A 139 1.11 1.91 17.53
CA GLY A 139 0.61 3.27 17.35
C GLY A 139 -0.85 3.44 16.99
N THR A 140 -1.58 2.33 16.85
CA THR A 140 -2.97 2.36 16.37
C THR A 140 -3.91 3.13 17.31
N LYS A 141 -3.95 2.72 18.58
CA LYS A 141 -4.81 3.35 19.57
C LYS A 141 -4.40 4.81 19.80
N ASN A 142 -3.09 5.04 19.87
CA ASN A 142 -2.57 6.40 20.06
C ASN A 142 -2.93 7.33 18.90
N PHE A 143 -2.86 6.83 17.67
CA PHE A 143 -3.28 7.63 16.54
C PHE A 143 -4.75 7.99 16.60
N MET A 144 -5.59 7.00 16.90
CA MET A 144 -7.03 7.22 16.96
C MET A 144 -7.38 8.22 18.04
N GLU A 145 -6.70 8.11 19.17
CA GLU A 145 -6.90 9.05 20.27
C GLU A 145 -6.51 10.46 19.86
N GLN A 146 -5.35 10.58 19.19
CA GLN A 146 -4.88 11.89 18.76
C GLN A 146 -5.75 12.49 17.64
N LEU A 147 -6.32 11.64 16.79
CA LEU A 147 -7.29 12.09 15.79
CA LEU A 147 -7.27 12.12 15.79
C LEU A 147 -8.49 12.74 16.47
N GLN A 148 -9.03 12.07 17.48
CA GLN A 148 -10.22 12.53 18.19
C GLN A 148 -9.97 13.77 19.05
N SER A 149 -8.76 13.91 19.59
CA SER A 149 -8.45 15.04 20.47
C SER A 149 -7.98 16.26 19.68
N GLY A 150 -7.53 16.03 18.45
CA GLY A 150 -6.94 17.09 17.63
C GLY A 150 -5.42 17.17 17.69
N ALA A 151 -4.80 16.36 18.53
CA ALA A 151 -3.33 16.33 18.63
C ALA A 151 -2.69 15.93 17.30
N ALA A 152 -3.37 15.08 16.53
CA ALA A 152 -2.92 14.72 15.19
C ALA A 152 -4.06 14.89 14.19
N ASP A 153 -3.71 15.20 12.95
CA ASP A 153 -4.68 15.15 11.86
C ASP A 153 -4.35 13.98 10.94
N ILE A 154 -5.24 13.70 10.00
CA ILE A 154 -5.09 12.53 9.13
C ILE A 154 -3.76 12.49 8.36
N SER A 155 -3.21 13.66 8.03
CA SER A 155 -1.95 13.76 7.31
C SER A 155 -0.74 13.23 8.10
N MET A 156 -0.92 13.02 9.40
CA MET A 156 0.18 12.61 10.27
C MET A 156 0.17 11.11 10.56
N ILE A 157 -0.76 10.39 9.91
CA ILE A 157 -0.93 8.94 10.14
C ILE A 157 0.35 8.11 10.00
N GLY A 158 1.23 8.52 9.10
CA GLY A 158 2.47 7.79 8.84
C GLY A 158 3.40 7.70 10.02
N GLN A 159 3.37 8.73 10.87
CA GLN A 159 4.21 8.82 12.07
CA GLN A 159 4.26 8.77 12.04
C GLN A 159 3.88 7.73 13.08
N PHE A 160 2.67 7.16 12.94
CA PHE A 160 2.14 6.17 13.87
C PHE A 160 2.25 4.72 13.36
N GLY A 161 2.86 4.54 12.19
CA GLY A 161 3.09 3.18 11.65
C GLY A 161 1.88 2.45 11.12
N VAL A 162 0.81 3.20 10.82
CA VAL A 162 -0.45 2.66 10.29
C VAL A 162 -0.88 3.41 9.01
N GLY A 163 0.09 4.09 8.40
CA GLY A 163 -0.16 4.88 7.18
C GLY A 163 -0.67 4.10 5.98
N PHE A 164 -0.39 2.80 5.93
CA PHE A 164 -0.98 1.96 4.87
C PHE A 164 -2.49 2.14 4.77
N TYR A 165 -3.16 2.19 5.92
CA TYR A 165 -4.61 2.19 5.94
C TYR A 165 -5.21 3.48 5.40
N SER A 166 -4.37 4.51 5.21
CA SER A 166 -4.80 5.76 4.58
C SER A 166 -5.30 5.55 3.15
N ALA A 167 -4.93 4.42 2.56
CA ALA A 167 -5.41 4.10 1.21
C ALA A 167 -6.95 4.13 1.18
N TYR A 168 -7.58 3.80 2.32
CA TYR A 168 -9.05 3.73 2.42
C TYR A 168 -9.73 5.10 2.48
N LEU A 169 -8.94 6.17 2.54
CA LEU A 169 -9.44 7.52 2.32
C LEU A 169 -9.99 7.69 0.90
N VAL A 170 -9.38 7.01 -0.06
CA VAL A 170 -9.73 7.21 -1.47
C VAL A 170 -10.19 5.94 -2.19
N ALA A 171 -9.94 4.79 -1.57
CA ALA A 171 -10.24 3.50 -2.18
C ALA A 171 -11.29 2.70 -1.37
N ASP A 172 -12.20 2.05 -2.09
CA ASP A 172 -13.14 1.09 -1.50
C ASP A 172 -12.50 -0.27 -1.25
N THR A 173 -11.59 -0.66 -2.12
CA THR A 173 -10.92 -1.96 -2.04
C THR A 173 -9.45 -1.72 -2.32
N VAL A 174 -8.59 -2.38 -1.55
CA VAL A 174 -7.15 -2.30 -1.73
C VAL A 174 -6.65 -3.71 -1.92
N ILE A 175 -5.77 -3.86 -2.90
CA ILE A 175 -5.16 -5.14 -3.21
CA ILE A 175 -5.17 -5.14 -3.25
C ILE A 175 -3.66 -4.99 -3.12
N VAL A 176 -3.04 -5.88 -2.37
CA VAL A 176 -1.60 -5.84 -2.20
C VAL A 176 -1.01 -7.12 -2.73
N HIS A 177 -0.31 -7.02 -3.84
CA HIS A 177 0.44 -8.14 -4.41
C HIS A 177 1.87 -7.96 -3.90
N SER A 178 2.49 -9.01 -3.38
CA SER A 178 3.86 -8.87 -2.94
C SER A 178 4.69 -10.13 -3.12
N LYS A 179 5.96 -9.90 -3.44
CA LYS A 179 6.92 -10.97 -3.69
C LYS A 179 8.21 -10.66 -2.98
N ASN A 180 8.48 -11.48 -1.96
CA ASN A 180 9.74 -11.43 -1.20
C ASN A 180 10.63 -12.58 -1.68
N ASN A 181 11.94 -12.41 -1.62
CA ASN A 181 12.84 -13.47 -2.06
C ASN A 181 12.57 -14.81 -1.36
N ASP A 182 12.06 -14.76 -0.13
CA ASP A 182 11.85 -15.97 0.67
C ASP A 182 10.47 -16.64 0.50
N ASP A 183 9.64 -16.15 -0.41
CA ASP A 183 8.32 -16.76 -0.59
C ASP A 183 7.84 -16.63 -2.04
N GLU A 184 6.74 -17.31 -2.34
CA GLU A 184 6.05 -17.12 -3.60
CA GLU A 184 6.05 -17.12 -3.60
C GLU A 184 5.30 -15.79 -3.56
N GLN A 185 4.79 -15.35 -4.71
CA GLN A 185 4.01 -14.15 -4.75
C GLN A 185 2.62 -14.39 -4.16
N TYR A 186 2.19 -13.49 -3.26
CA TYR A 186 0.89 -13.58 -2.61
C TYR A 186 0.08 -12.31 -2.85
N VAL A 187 -1.23 -12.45 -2.79
CA VAL A 187 -2.10 -11.30 -2.96
C VAL A 187 -3.09 -11.18 -1.80
N TRP A 188 -3.02 -10.04 -1.12
CA TRP A 188 -3.88 -9.66 -0.01
C TRP A 188 -4.98 -8.77 -0.56
N GLU A 189 -6.20 -8.92 -0.08
CA GLU A 189 -7.27 -8.06 -0.53
C GLU A 189 -8.22 -7.73 0.61
N SER A 190 -8.64 -6.46 0.69
CA SER A 190 -9.68 -6.09 1.64
C SER A 190 -10.52 -4.93 1.19
N SER A 191 -11.80 -5.02 1.47
CA SER A 191 -12.74 -3.90 1.28
C SER A 191 -13.18 -3.42 2.66
N ALA A 192 -12.28 -3.61 3.64
CA ALA A 192 -12.58 -3.35 5.04
C ALA A 192 -13.65 -4.32 5.53
N GLY A 193 -14.69 -3.82 6.19
CA GLY A 193 -15.75 -4.67 6.70
C GLY A 193 -15.29 -5.80 7.60
N GLY A 194 -14.08 -5.66 8.17
CA GLY A 194 -13.61 -6.54 9.23
C GLY A 194 -12.74 -7.71 8.82
N GLU A 195 -12.63 -7.97 7.52
CA GLU A 195 -11.87 -9.11 7.02
C GLU A 195 -10.92 -8.79 5.86
N PHE A 196 -9.89 -9.61 5.70
CA PHE A 196 -9.10 -9.62 4.48
C PHE A 196 -8.89 -11.05 4.00
N THR A 197 -8.53 -11.20 2.74
CA THR A 197 -8.11 -12.50 2.22
C THR A 197 -6.69 -12.45 1.73
N ILE A 198 -6.04 -13.61 1.72
CA ILE A 198 -4.72 -13.74 1.14
C ILE A 198 -4.66 -15.04 0.35
N ALA A 199 -4.05 -14.99 -0.83
CA ALA A 199 -3.98 -16.16 -1.70
C ALA A 199 -2.69 -16.13 -2.49
N LEU A 200 -2.24 -17.31 -2.90
CA LEU A 200 -1.16 -17.42 -3.86
C LEU A 200 -1.57 -16.63 -5.10
N ASP A 201 -0.64 -15.83 -5.59
CA ASP A 201 -0.95 -14.89 -6.65
C ASP A 201 -0.62 -15.46 -8.02
N HIS A 202 -1.62 -15.52 -8.90
CA HIS A 202 -1.44 -16.06 -10.24
C HIS A 202 -1.43 -14.97 -11.32
N THR A 203 -1.42 -13.72 -10.90
CA THR A 203 -1.35 -12.58 -11.82
C THR A 203 0.12 -12.27 -12.15
N GLU A 204 0.35 -11.16 -12.85
CA GLU A 204 1.69 -10.81 -13.34
C GLU A 204 2.74 -10.91 -12.25
N PRO A 205 3.79 -11.72 -12.49
CA PRO A 205 4.89 -11.85 -11.54
C PRO A 205 5.67 -10.54 -11.38
N LEU A 206 5.98 -10.18 -10.14
CA LEU A 206 6.70 -8.96 -9.82
C LEU A 206 8.22 -9.12 -9.85
N GLY A 207 8.69 -10.35 -9.69
CA GLY A 207 10.13 -10.61 -9.59
C GLY A 207 10.54 -10.43 -8.14
N ARG A 208 10.41 -9.19 -7.67
CA ARG A 208 10.53 -8.85 -6.25
C ARG A 208 9.83 -7.52 -6.07
N GLY A 209 9.14 -7.37 -4.96
CA GLY A 209 8.54 -6.09 -4.60
C GLY A 209 7.06 -6.17 -4.32
N THR A 210 6.40 -5.03 -4.40
CA THR A 210 5.02 -4.92 -3.98
C THR A 210 4.26 -4.06 -4.97
N LYS A 211 3.06 -4.53 -5.30
CA LYS A 211 2.16 -3.83 -6.20
C LYS A 211 0.87 -3.62 -5.44
N ILE A 212 0.56 -2.37 -5.16
CA ILE A 212 -0.65 -2.01 -4.44
CA ILE A 212 -0.66 -2.03 -4.46
C ILE A 212 -1.63 -1.39 -5.43
N VAL A 213 -2.86 -1.91 -5.43
CA VAL A 213 -3.89 -1.46 -6.37
C VAL A 213 -5.02 -0.89 -5.54
N LEU A 214 -5.30 0.39 -5.76
CA LEU A 214 -6.41 1.05 -5.10
C LEU A 214 -7.58 1.11 -6.06
N HIS A 215 -8.67 0.45 -5.70
CA HIS A 215 -9.92 0.58 -6.44
C HIS A 215 -10.64 1.81 -5.90
N MET A 216 -10.63 2.85 -6.71
CA MET A 216 -10.96 4.20 -6.24
C MET A 216 -12.44 4.40 -5.98
N LYS A 217 -12.75 5.10 -4.89
CA LYS A 217 -14.09 5.58 -4.61
C LYS A 217 -14.56 6.50 -5.73
N GLU A 218 -15.84 6.39 -6.07
CA GLU A 218 -16.42 7.20 -7.13
C GLU A 218 -16.15 8.70 -6.91
N ASP A 219 -16.23 9.14 -5.67
CA ASP A 219 -16.00 10.54 -5.31
C ASP A 219 -14.53 10.98 -5.30
N GLN A 220 -13.62 10.04 -5.54
CA GLN A 220 -12.18 10.34 -5.48
C GLN A 220 -11.47 10.02 -6.79
N LEU A 221 -12.27 9.87 -7.86
CA LEU A 221 -11.73 9.53 -9.18
C LEU A 221 -10.87 10.63 -9.78
N ASP A 222 -11.04 11.87 -9.31
CA ASP A 222 -10.18 12.98 -9.75
C ASP A 222 -8.69 12.72 -9.48
N TYR A 223 -8.40 11.85 -8.52
CA TYR A 223 -7.01 11.44 -8.25
C TYR A 223 -6.39 10.64 -9.39
N LEU A 224 -7.21 10.22 -10.35
CA LEU A 224 -6.71 9.54 -11.53
C LEU A 224 -6.50 10.47 -12.72
N ASP A 225 -6.88 11.74 -12.59
CA ASP A 225 -6.66 12.69 -13.66
C ASP A 225 -5.18 12.86 -13.88
N GLU A 226 -4.75 12.76 -15.13
CA GLU A 226 -3.33 12.65 -15.46
C GLU A 226 -2.49 13.76 -14.86
N THR A 227 -2.92 15.00 -15.08
CA THR A 227 -2.13 16.14 -14.63
C THR A 227 -2.16 16.26 -13.12
N LYS A 228 -3.33 16.02 -12.53
CA LYS A 228 -3.47 16.07 -11.07
C LYS A 228 -2.53 15.06 -10.41
N ILE A 229 -2.60 13.80 -10.82
CA ILE A 229 -1.74 12.80 -10.20
C ILE A 229 -0.23 13.00 -10.49
N LYS A 230 0.11 13.41 -11.72
CA LYS A 230 1.50 13.70 -12.08
C LYS A 230 2.08 14.71 -11.13
N ASN A 231 1.32 15.79 -10.93
CA ASN A 231 1.81 16.87 -10.09
C ASN A 231 1.82 16.51 -8.59
N LEU A 232 0.85 15.71 -8.15
CA LEU A 232 0.86 15.24 -6.77
C LEU A 232 2.03 14.30 -6.49
N VAL A 233 2.38 13.48 -7.48
CA VAL A 233 3.54 12.60 -7.36
C VAL A 233 4.81 13.44 -7.22
N LYS A 234 4.94 14.48 -8.04
CA LYS A 234 6.04 15.45 -7.90
C LYS A 234 6.10 16.01 -6.49
N LYS A 235 4.94 16.45 -5.99
CA LYS A 235 4.80 17.11 -4.69
C LYS A 235 5.24 16.22 -3.53
N HIS A 236 4.95 14.93 -3.67
CA HIS A 236 5.15 13.97 -2.59
C HIS A 236 6.31 13.01 -2.83
N SER A 237 7.20 13.37 -3.75
CA SER A 237 8.40 12.57 -3.98
C SER A 237 9.68 13.40 -3.94
N GLU A 238 9.60 14.58 -3.33
CA GLU A 238 10.70 15.53 -3.27
C GLU A 238 11.98 14.92 -2.69
N PHE A 239 11.83 14.09 -1.67
CA PHE A 239 12.99 13.49 -0.99
C PHE A 239 13.19 12.02 -1.33
N ILE A 240 12.55 11.56 -2.40
CA ILE A 240 12.67 10.18 -2.83
C ILE A 240 13.88 10.00 -3.76
N GLN A 241 14.72 9.03 -3.40
CA GLN A 241 15.99 8.78 -4.06
C GLN A 241 15.92 7.74 -5.17
N TYR A 242 14.71 7.29 -5.49
CA TYR A 242 14.51 6.24 -6.50
C TYR A 242 13.76 6.79 -7.70
N PRO A 243 14.08 6.28 -8.91
CA PRO A 243 13.37 6.67 -10.12
C PRO A 243 11.88 6.36 -10.01
N ILE A 244 11.06 7.29 -10.49
CA ILE A 244 9.61 7.08 -10.57
C ILE A 244 9.19 7.20 -12.02
N SER A 245 8.36 6.25 -12.45
CA SER A 245 7.75 6.30 -13.78
C SER A 245 6.25 6.45 -13.58
N LEU A 246 5.66 7.41 -14.28
CA LEU A 246 4.22 7.58 -14.29
C LEU A 246 3.70 7.04 -15.61
N LEU A 247 2.93 5.96 -15.53
CA LEU A 247 2.37 5.33 -16.72
C LEU A 247 0.88 5.56 -16.74
N THR A 248 0.43 6.49 -17.60
CA THR A 248 -0.98 6.80 -17.65
C THR A 248 -1.68 5.87 -18.64
N ILE A 249 -2.64 5.10 -18.17
CA ILE A 249 -3.37 4.16 -19.02
C ILE A 249 -4.55 4.84 -19.70
N LYS A 250 -4.59 4.70 -21.02
CA LYS A 250 -5.70 5.14 -21.84
C LYS A 250 -6.36 3.86 -22.39
N GLU A 251 -7.67 3.78 -22.28
CA GLU A 251 -8.39 2.75 -23.02
C GLU A 251 -9.46 3.35 -23.94
O1 GDM B . 0.87 1.19 7.81
O2 GDM B . 2.82 -2.18 2.40
O3 GDM B . 5.18 -1.26 1.74
O4 GDM B . 6.45 -2.82 0.63
O5 GDM B . 9.69 -4.22 6.45
O6 GDM B . 7.39 -5.49 7.65
O7 GDM B . 8.40 -0.18 8.02
O8 GDM B . 7.42 1.89 6.43
O9 GDM B . 3.89 -0.58 9.71
N1 GDM B . 3.06 1.53 8.02
N2 GDM B . 5.75 -1.00 -0.51
C1 GDM B . 2.00 0.76 7.73
C2 GDM B . 2.13 -0.65 7.31
C3 GDM B . 2.91 -1.02 6.27
C4 GDM B . 3.06 -2.41 5.86
C5 GDM B . 3.45 -2.81 4.63
C6 GDM B . 3.72 -1.88 3.48
C7 GDM B . 5.08 -2.16 2.85
C8 GDM B . 6.29 -1.95 3.73
C9 GDM B . 7.00 -3.04 4.07
C10 GDM B . 8.25 -3.00 4.92
C11 GDM B . 8.39 -4.21 5.83
C12 GDM B . 7.30 -4.27 6.91
C13 GDM B . 7.43 -3.08 7.85
C14 GDM B . 6.47 -3.00 9.04
C15 GDM B . 6.63 -1.66 9.81
C16 GDM B . 6.15 -0.50 8.96
C17 GDM B . 7.09 0.19 8.05
C18 GDM B . 6.61 1.31 7.19
C19 GDM B . 5.27 1.71 7.23
C20 GDM B . 4.34 1.09 8.05
C21 GDM B . 4.73 -0.04 8.96
C22 GDM B . 1.31 -1.63 8.08
C23 GDM B . 1.48 -1.81 2.66
C24 GDM B . 5.84 -1.76 0.58
C25 GDM B . 6.66 -0.55 4.16
C26 GDM B . 9.43 -2.92 3.95
C27 GDM B . 6.85 -6.62 6.96
C28 GDM B . 5.03 -3.25 8.56
C29 GDM B . 9.30 0.59 8.83
O2 PEG C . -10.21 -13.81 -3.24
C3 PEG C . -11.54 -13.30 -3.36
C4 PEG C . -12.52 -14.35 -2.84
O4 PEG C . -13.81 -14.11 -3.41
#